data_1X83
#
_entry.id   1X83
#
_cell.length_a   69.090
_cell.length_b   71.880
_cell.length_c   91.730
_cell.angle_alpha   90.00
_cell.angle_beta   90.00
_cell.angle_gamma   90.00
#
_symmetry.space_group_name_H-M   'P 21 21 21'
#
loop_
_entity.id
_entity.type
_entity.pdbx_description
1 polymer 'Isopentenyl-diphosphate delta-isomerase'
2 non-polymer 'MANGANESE (II) ION'
3 non-polymer 'MAGNESIUM ION'
4 non-polymer '(S)-4-BROMO-3-HYDROXY-3-METHYLBUTYL DIPHOSPHATE'
5 water water
#
_entity_poly.entity_id   1
_entity_poly.type   'polypeptide(L)'
_entity_poly.pdbx_seq_one_letter_code
;MQTEHVILLNAQGVPTGTLEKYAAHTADTRLHLAFSSWLFNAKGQLLVTRRALSKKAWPGVWTNSVCGHPQLGESNEDAV
IRRCRYELGVEITPPESIYPDFRFRATDPSGIVENEVCPVFAARTTSALQINDDEVMDYQWCDLADVLHGIDATPWAFSP
WMVMQATNREARKRLSAFTQLKLHHHHHH
;
_entity_poly.pdbx_strand_id   A,B
#
loop_
_chem_comp.id
_chem_comp.type
_chem_comp.name
_chem_comp.formula
MG non-polymer 'MAGNESIUM ION' 'Mg 2'
MN non-polymer 'MANGANESE (II) ION' 'Mn 2'
SBH non-polymer '(S)-4-BROMO-3-HYDROXY-3-METHYLBUTYL DIPHOSPHATE' 'C5 H13 Br O8 P2'
#
# COMPACT_ATOMS: atom_id res chain seq x y z
N GLU A 4 13.00 -23.37 -8.40
CA GLU A 4 11.59 -23.22 -8.72
C GLU A 4 11.40 -22.69 -10.14
N HIS A 5 10.23 -23.02 -10.69
CA HIS A 5 9.83 -22.61 -12.02
C HIS A 5 8.39 -22.15 -12.04
N VAL A 6 7.98 -21.54 -13.15
CA VAL A 6 6.56 -21.38 -13.41
C VAL A 6 6.26 -22.27 -14.62
N ILE A 7 5.00 -22.61 -14.78
CA ILE A 7 4.54 -23.45 -15.89
C ILE A 7 3.84 -22.63 -16.96
N LEU A 8 4.43 -22.61 -18.15
CA LEU A 8 3.92 -21.85 -19.27
C LEU A 8 2.68 -22.53 -19.86
N LEU A 9 1.70 -21.70 -20.18
CA LEU A 9 0.42 -22.21 -20.67
C LEU A 9 0.09 -21.66 -22.05
N ASN A 10 -0.46 -22.50 -22.93
CA ASN A 10 -0.91 -22.03 -24.24
C ASN A 10 -2.28 -21.36 -24.05
N ALA A 11 -2.93 -21.01 -25.15
CA ALA A 11 -4.25 -20.38 -25.11
C ALA A 11 -5.18 -21.15 -24.19
N GLN A 12 -5.43 -22.43 -24.51
CA GLN A 12 -6.16 -23.23 -23.51
C GLN A 12 -5.23 -23.31 -22.32
N GLY A 13 -5.63 -23.71 -21.11
CA GLY A 13 -4.54 -23.74 -20.12
C GLY A 13 -3.60 -24.89 -20.27
N VAL A 14 -3.13 -25.28 -21.46
CA VAL A 14 -2.30 -26.48 -21.51
C VAL A 14 -0.82 -26.19 -21.25
N PRO A 15 -0.22 -26.80 -20.25
CA PRO A 15 1.23 -26.68 -20.02
C PRO A 15 2.04 -26.92 -21.28
N THR A 16 3.04 -26.06 -21.55
CA THR A 16 3.86 -26.30 -22.73
C THR A 16 5.35 -26.25 -22.38
N GLY A 17 5.66 -25.97 -21.13
CA GLY A 17 7.07 -25.86 -20.74
C GLY A 17 7.20 -25.03 -19.48
N THR A 18 8.45 -24.76 -19.08
CA THR A 18 8.64 -24.02 -17.84
C THR A 18 9.73 -22.95 -17.99
N LEU A 19 9.75 -22.03 -17.05
CA LEU A 19 10.70 -20.94 -16.93
C LEU A 19 11.18 -20.87 -15.47
N GLU A 20 12.43 -20.51 -15.27
CA GLU A 20 12.90 -20.35 -13.87
C GLU A 20 12.04 -19.24 -13.27
N LYS A 21 11.62 -19.37 -12.03
CA LYS A 21 10.69 -18.39 -11.47
C LYS A 21 11.29 -16.99 -11.46
N TYR A 22 12.54 -16.83 -11.09
CA TYR A 22 13.13 -15.50 -11.03
C TYR A 22 13.02 -14.82 -12.39
N ALA A 23 13.38 -15.59 -13.42
CA ALA A 23 13.44 -15.02 -14.77
C ALA A 23 12.08 -14.90 -15.45
N ALA A 24 11.02 -15.45 -14.86
CA ALA A 24 9.72 -15.49 -15.51
C ALA A 24 8.93 -14.19 -15.49
N HIS A 25 9.21 -13.36 -14.46
CA HIS A 25 8.40 -12.17 -14.29
C HIS A 25 9.16 -10.94 -14.77
N THR A 26 8.69 -10.40 -15.89
CA THR A 26 9.34 -9.24 -16.51
C THR A 26 8.29 -8.23 -16.95
N ALA A 27 8.72 -7.21 -17.69
CA ALA A 27 7.76 -6.29 -18.30
C ALA A 27 6.92 -7.00 -19.37
N ASP A 28 7.38 -8.18 -19.79
CA ASP A 28 6.69 -8.93 -20.85
C ASP A 28 6.26 -10.31 -20.37
N THR A 29 5.77 -10.47 -19.16
CA THR A 29 5.52 -11.80 -18.60
C THR A 29 4.56 -12.63 -19.43
N ARG A 30 5.03 -13.83 -19.77
CA ARG A 30 4.23 -14.81 -20.50
C ARG A 30 3.23 -15.52 -19.62
N LEU A 31 2.10 -15.90 -20.20
CA LEU A 31 1.03 -16.60 -19.50
C LEU A 31 1.53 -17.86 -18.80
N HIS A 32 1.26 -17.99 -17.50
CA HIS A 32 1.68 -19.19 -16.80
C HIS A 32 0.69 -19.52 -15.68
N LEU A 33 0.91 -20.67 -15.04
CA LEU A 33 0.03 -21.16 -13.99
C LEU A 33 0.35 -20.56 -12.62
N ALA A 34 -0.69 -20.14 -11.90
CA ALA A 34 -0.53 -19.69 -10.53
C ALA A 34 -1.66 -20.16 -9.64
N PHE A 35 -1.62 -19.79 -8.37
CA PHE A 35 -2.80 -19.91 -7.51
C PHE A 35 -2.87 -18.61 -6.69
N SER A 36 -4.02 -18.37 -6.10
CA SER A 36 -4.17 -17.40 -5.02
C SER A 36 -4.96 -18.02 -3.89
N SER A 37 -4.61 -17.76 -2.62
CA SER A 37 -5.38 -18.37 -1.55
C SER A 37 -5.70 -17.33 -0.48
N TRP A 38 -6.84 -17.53 0.16
CA TRP A 38 -7.34 -16.66 1.22
C TRP A 38 -7.38 -17.51 2.50
N LEU A 39 -6.66 -17.11 3.54
CA LEU A 39 -6.61 -17.95 4.74
C LEU A 39 -7.38 -17.30 5.89
N PHE A 40 -8.15 -18.11 6.60
CA PHE A 40 -8.96 -17.66 7.71
C PHE A 40 -8.56 -18.41 8.97
N ASN A 41 -8.54 -17.75 10.14
CA ASN A 41 -8.22 -18.59 11.30
C ASN A 41 -9.51 -19.24 11.81
N ALA A 42 -9.38 -20.05 12.85
CA ALA A 42 -10.52 -20.71 13.45
C ALA A 42 -11.57 -19.70 13.89
N LYS A 43 -11.13 -18.48 14.21
CA LYS A 43 -12.10 -17.46 14.62
C LYS A 43 -12.84 -16.87 13.43
N GLY A 44 -12.37 -17.14 12.19
CA GLY A 44 -13.09 -16.55 11.07
C GLY A 44 -12.39 -15.32 10.53
N GLN A 45 -11.33 -14.87 11.20
CA GLN A 45 -10.63 -13.71 10.66
C GLN A 45 -9.82 -14.08 9.40
N LEU A 46 -9.75 -13.10 8.52
CA LEU A 46 -8.99 -13.22 7.28
C LEU A 46 -7.56 -12.68 7.45
N LEU A 47 -6.59 -13.46 7.02
CA LEU A 47 -5.21 -12.99 7.02
C LEU A 47 -4.92 -12.19 5.77
N VAL A 48 -4.60 -10.92 5.93
CA VAL A 48 -4.15 -10.14 4.77
C VAL A 48 -2.64 -9.96 4.94
N THR A 49 -1.85 -10.04 3.87
CA THR A 49 -0.41 -9.97 4.05
C THR A 49 0.10 -8.78 3.23
N ARG A 50 1.30 -8.32 3.57
CA ARG A 50 1.93 -7.29 2.76
C ARG A 50 3.21 -7.93 2.21
N ARG A 51 3.32 -7.84 0.90
CA ARG A 51 4.42 -8.49 0.22
C ARG A 51 5.73 -7.81 0.61
N ALA A 52 6.78 -8.58 0.81
CA ALA A 52 8.08 -8.05 1.19
C ALA A 52 8.60 -7.11 0.12
N LEU A 53 9.51 -6.21 0.52
CA LEU A 53 10.01 -5.24 -0.44
C LEU A 53 10.92 -5.89 -1.47
N SER A 54 11.34 -7.13 -1.23
CA SER A 54 12.17 -7.82 -2.19
C SER A 54 11.38 -8.67 -3.19
N LYS A 55 10.05 -8.74 -3.10
CA LYS A 55 9.38 -9.54 -4.14
C LYS A 55 9.49 -8.85 -5.48
N LYS A 56 9.64 -9.63 -6.54
CA LYS A 56 9.90 -9.00 -7.84
C LYS A 56 8.65 -8.28 -8.33
N ALA A 57 7.48 -8.83 -8.02
CA ALA A 57 6.23 -8.26 -8.49
C ALA A 57 5.41 -7.74 -7.31
N TRP A 58 4.89 -6.53 -7.49
CA TRP A 58 4.14 -5.88 -6.42
C TRP A 58 4.78 -5.93 -5.05
N PRO A 59 6.04 -5.54 -4.90
CA PRO A 59 6.61 -5.48 -3.57
C PRO A 59 5.90 -4.40 -2.75
N GLY A 60 5.77 -4.68 -1.47
CA GLY A 60 5.25 -3.75 -0.48
C GLY A 60 3.75 -3.53 -0.64
N VAL A 61 3.07 -4.43 -1.34
CA VAL A 61 1.65 -4.30 -1.65
C VAL A 61 0.80 -5.20 -0.76
N TRP A 62 -0.29 -4.67 -0.25
CA TRP A 62 -1.18 -5.49 0.58
C TRP A 62 -2.02 -6.41 -0.28
N THR A 63 -2.15 -7.67 0.14
CA THR A 63 -2.79 -8.64 -0.75
C THR A 63 -3.46 -9.75 0.01
N ASN A 64 -4.09 -10.70 -0.70
CA ASN A 64 -4.68 -11.77 0.14
C ASN A 64 -3.56 -12.65 0.64
N SER A 65 -3.88 -13.71 1.37
CA SER A 65 -2.99 -14.43 2.26
C SER A 65 -1.72 -14.98 1.63
N VAL A 66 -1.85 -15.78 0.59
CA VAL A 66 -0.73 -16.50 -0.02
C VAL A 66 -1.05 -16.73 -1.49
N CYS A 67 -0.08 -16.43 -2.32
CA CYS A 67 -0.19 -16.66 -3.76
C CYS A 67 1.10 -17.36 -4.17
N GLY A 68 1.06 -18.11 -5.26
CA GLY A 68 2.31 -18.75 -5.68
C GLY A 68 2.09 -19.44 -7.02
N HIS A 69 3.01 -20.34 -7.30
CA HIS A 69 3.10 -20.97 -8.62
C HIS A 69 3.30 -22.47 -8.44
N PRO A 70 2.29 -23.26 -8.83
CA PRO A 70 2.41 -24.72 -8.79
C PRO A 70 3.58 -25.20 -9.62
N GLN A 71 4.31 -26.22 -9.19
CA GLN A 71 5.37 -26.77 -10.04
C GLN A 71 4.81 -27.89 -10.92
N LEU A 72 5.60 -28.35 -11.89
CA LEU A 72 5.20 -29.46 -12.76
C LEU A 72 4.70 -30.65 -11.96
N GLY A 73 3.48 -31.09 -12.28
CA GLY A 73 2.93 -32.28 -11.69
C GLY A 73 2.42 -32.08 -10.28
N GLU A 74 2.50 -30.85 -9.79
CA GLU A 74 2.01 -30.57 -8.43
C GLU A 74 0.56 -30.12 -8.45
N SER A 75 -0.28 -30.70 -7.60
CA SER A 75 -1.66 -30.21 -7.52
C SER A 75 -1.71 -28.78 -6.97
N ASN A 76 -2.71 -28.05 -7.42
CA ASN A 76 -3.03 -26.70 -6.99
C ASN A 76 -3.05 -26.64 -5.45
N GLU A 77 -3.69 -27.63 -4.87
CA GLU A 77 -3.86 -27.69 -3.42
C GLU A 77 -2.55 -27.94 -2.71
N ASP A 78 -1.68 -28.79 -3.28
CA ASP A 78 -0.38 -29.03 -2.68
C ASP A 78 0.48 -27.78 -2.83
N ALA A 79 0.29 -27.07 -3.94
CA ALA A 79 1.03 -25.82 -4.12
C ALA A 79 0.67 -24.82 -3.03
N VAL A 80 -0.61 -24.64 -2.79
CA VAL A 80 -1.11 -23.78 -1.73
C VAL A 80 -0.53 -24.20 -0.38
N ILE A 81 -0.61 -25.49 -0.06
CA ILE A 81 -0.11 -26.00 1.22
C ILE A 81 1.37 -25.76 1.37
N ARG A 82 2.12 -25.92 0.28
CA ARG A 82 3.55 -25.69 0.27
C ARG A 82 3.87 -24.22 0.54
N ARG A 83 3.20 -23.31 -0.16
CA ARG A 83 3.56 -21.89 0.03
C ARG A 83 3.08 -21.34 1.36
N CYS A 84 2.00 -21.90 1.90
CA CYS A 84 1.62 -21.54 3.27
C CYS A 84 2.72 -21.87 4.26
N ARG A 85 3.28 -23.08 4.14
CA ARG A 85 4.40 -23.48 4.95
C ARG A 85 5.60 -22.58 4.72
N TYR A 86 5.91 -22.34 3.45
CA TYR A 86 7.12 -21.59 3.11
C TYR A 86 7.04 -20.11 3.50
N GLU A 87 5.97 -19.42 3.14
CA GLU A 87 5.85 -17.99 3.37
C GLU A 87 5.44 -17.64 4.80
N LEU A 88 4.57 -18.45 5.37
CA LEU A 88 3.96 -18.13 6.66
C LEU A 88 4.19 -19.17 7.77
N GLY A 89 4.87 -20.26 7.46
CA GLY A 89 5.14 -21.38 8.34
C GLY A 89 3.90 -21.93 9.00
N VAL A 90 2.81 -21.99 8.24
CA VAL A 90 1.50 -22.33 8.76
C VAL A 90 0.92 -23.57 8.07
N GLU A 91 0.32 -24.40 8.89
CA GLU A 91 -0.45 -25.58 8.51
C GLU A 91 -1.87 -25.14 8.22
N ILE A 92 -2.52 -25.81 7.27
CA ILE A 92 -3.86 -25.43 6.87
C ILE A 92 -4.77 -26.64 6.65
N THR A 93 -6.07 -26.39 6.63
CA THR A 93 -7.05 -27.38 6.19
C THR A 93 -6.97 -27.53 4.67
N PRO A 94 -7.48 -28.63 4.11
CA PRO A 94 -7.42 -28.80 2.66
C PRO A 94 -8.07 -27.66 1.91
N PRO A 95 -7.30 -27.01 1.02
CA PRO A 95 -7.81 -25.88 0.25
C PRO A 95 -9.09 -26.20 -0.52
N GLU A 96 -10.03 -25.27 -0.46
CA GLU A 96 -11.29 -25.31 -1.18
C GLU A 96 -11.30 -24.32 -2.32
N SER A 97 -12.00 -24.65 -3.40
CA SER A 97 -12.03 -23.76 -4.56
C SER A 97 -13.04 -22.64 -4.40
N ILE A 98 -12.60 -21.41 -4.67
CA ILE A 98 -13.52 -20.28 -4.56
C ILE A 98 -13.70 -19.55 -5.89
N TYR A 99 -12.70 -19.58 -6.75
CA TYR A 99 -12.75 -18.92 -8.06
C TYR A 99 -11.84 -19.70 -9.03
N PRO A 100 -12.35 -20.80 -9.59
CA PRO A 100 -11.55 -21.74 -10.35
C PRO A 100 -11.11 -21.29 -11.74
N ASP A 101 -11.81 -20.36 -12.35
CA ASP A 101 -11.47 -19.95 -13.71
C ASP A 101 -10.83 -18.57 -13.74
N PHE A 102 -10.41 -18.05 -12.58
CA PHE A 102 -9.79 -16.73 -12.53
C PHE A 102 -8.52 -16.69 -13.38
N ARG A 103 -8.39 -15.59 -14.08
CA ARG A 103 -7.36 -15.35 -15.07
C ARG A 103 -7.04 -13.86 -15.12
N PHE A 104 -5.77 -13.45 -15.14
CA PHE A 104 -5.63 -11.99 -15.27
C PHE A 104 -4.27 -11.61 -15.82
N ARG A 105 -4.18 -10.34 -16.21
CA ARG A 105 -2.88 -9.80 -16.60
C ARG A 105 -2.82 -8.38 -16.06
N ALA A 106 -1.80 -8.02 -15.31
CA ALA A 106 -1.67 -6.66 -14.79
C ALA A 106 -0.19 -6.28 -14.75
N THR A 107 0.07 -4.99 -14.56
CA THR A 107 1.38 -4.40 -14.53
C THR A 107 1.58 -3.61 -13.24
N ASP A 108 2.64 -3.91 -12.51
CA ASP A 108 2.90 -3.23 -11.22
C ASP A 108 3.52 -1.86 -11.44
N PRO A 109 3.67 -1.03 -10.42
CA PRO A 109 4.28 0.29 -10.61
C PRO A 109 5.66 0.30 -11.24
N SER A 110 6.44 -0.77 -11.22
CA SER A 110 7.75 -0.60 -11.86
C SER A 110 7.80 -1.21 -13.27
N GLY A 111 6.65 -1.68 -13.71
CA GLY A 111 6.44 -2.30 -14.99
C GLY A 111 6.56 -3.80 -14.99
N ILE A 112 6.61 -4.44 -13.82
CA ILE A 112 6.68 -5.92 -13.83
C ILE A 112 5.27 -6.45 -14.06
N VAL A 113 5.15 -7.44 -14.96
CA VAL A 113 3.82 -7.96 -15.26
C VAL A 113 3.54 -9.30 -14.60
N GLU A 114 2.32 -9.50 -14.11
CA GLU A 114 1.89 -10.89 -13.84
C GLU A 114 0.85 -11.21 -14.91
N ASN A 115 0.92 -12.44 -15.41
CA ASN A 115 0.08 -12.87 -16.54
C ASN A 115 -0.29 -14.31 -16.23
N GLU A 116 -1.47 -14.54 -15.66
CA GLU A 116 -1.67 -15.82 -15.01
C GLU A 116 -3.07 -16.39 -15.21
N VAL A 117 -3.05 -17.72 -15.29
CA VAL A 117 -4.22 -18.52 -15.03
C VAL A 117 -4.07 -18.79 -13.53
N CYS A 118 -5.05 -18.35 -12.75
CA CYS A 118 -4.83 -18.33 -11.31
C CYS A 118 -6.03 -18.78 -10.51
N PRO A 119 -6.26 -20.09 -10.40
CA PRO A 119 -7.41 -20.52 -9.60
C PRO A 119 -7.19 -20.05 -8.16
N VAL A 120 -8.32 -19.67 -7.55
CA VAL A 120 -8.33 -19.12 -6.19
C VAL A 120 -8.86 -20.13 -5.19
N PHE A 121 -8.21 -20.22 -4.03
CA PHE A 121 -8.63 -21.18 -3.01
C PHE A 121 -8.89 -20.48 -1.69
N ALA A 122 -9.53 -21.19 -0.76
CA ALA A 122 -9.65 -20.69 0.61
C ALA A 122 -9.22 -21.80 1.55
N ALA A 123 -8.81 -21.49 2.79
CA ALA A 123 -8.57 -22.60 3.72
C ALA A 123 -8.46 -22.00 5.12
N ARG A 124 -8.50 -22.87 6.13
CA ARG A 124 -8.33 -22.40 7.50
C ARG A 124 -6.94 -22.76 8.02
N THR A 125 -6.34 -21.85 8.80
CA THR A 125 -5.07 -22.20 9.42
C THR A 125 -5.30 -23.14 10.60
N THR A 126 -4.36 -24.01 10.87
CA THR A 126 -4.47 -24.97 11.97
C THR A 126 -3.26 -24.89 12.89
N SER A 127 -2.41 -23.89 12.70
CA SER A 127 -1.24 -23.66 13.55
C SER A 127 -0.95 -22.15 13.54
N ALA A 128 -0.12 -21.69 14.46
CA ALA A 128 0.25 -20.28 14.49
C ALA A 128 1.14 -19.93 13.31
N LEU A 129 1.22 -18.65 12.98
CA LEU A 129 2.10 -18.21 11.89
C LEU A 129 3.55 -18.17 12.36
N GLN A 130 4.45 -18.51 11.45
CA GLN A 130 5.89 -18.31 11.65
C GLN A 130 6.37 -17.62 10.36
N ILE A 131 6.45 -16.30 10.42
CA ILE A 131 6.64 -15.48 9.23
C ILE A 131 8.00 -15.63 8.58
N ASN A 132 7.98 -15.70 7.25
CA ASN A 132 9.21 -15.66 6.46
C ASN A 132 9.36 -14.24 5.93
N ASP A 133 10.24 -13.45 6.53
CA ASP A 133 10.32 -12.04 6.19
C ASP A 133 10.95 -11.80 4.82
N ASP A 134 11.39 -12.83 4.11
CA ASP A 134 11.81 -12.68 2.71
C ASP A 134 10.59 -12.69 1.79
N GLU A 135 9.48 -13.19 2.33
CA GLU A 135 8.23 -13.21 1.56
C GLU A 135 7.24 -12.18 2.05
N VAL A 136 7.13 -12.08 3.37
CA VAL A 136 6.10 -11.23 3.99
C VAL A 136 6.70 -10.17 4.90
N MET A 137 6.38 -8.89 4.70
CA MET A 137 6.92 -7.80 5.52
C MET A 137 5.96 -7.34 6.61
N ASP A 138 4.68 -7.69 6.52
CA ASP A 138 3.69 -7.25 7.49
C ASP A 138 2.43 -8.06 7.23
N TYR A 139 1.56 -8.15 8.23
CA TYR A 139 0.29 -8.85 7.98
C TYR A 139 -0.74 -8.31 8.97
N GLN A 140 -2.00 -8.56 8.67
CA GLN A 140 -3.07 -8.17 9.56
C GLN A 140 -4.14 -9.26 9.60
N TRP A 141 -4.56 -9.65 10.79
CA TRP A 141 -5.76 -10.47 10.93
C TRP A 141 -6.93 -9.49 11.04
N CYS A 142 -7.93 -9.63 10.18
CA CYS A 142 -9.04 -8.68 10.18
C CYS A 142 -10.35 -9.42 9.92
N ASP A 143 -11.40 -8.63 9.95
CA ASP A 143 -12.75 -9.10 9.62
C ASP A 143 -12.91 -9.03 8.10
N LEU A 144 -13.40 -10.10 7.48
CA LEU A 144 -13.54 -10.06 6.02
C LEU A 144 -14.34 -8.86 5.54
N ALA A 145 -15.39 -8.50 6.27
CA ALA A 145 -16.27 -7.39 5.89
C ALA A 145 -15.53 -6.06 5.82
N ASP A 146 -14.59 -5.84 6.73
CA ASP A 146 -13.81 -4.61 6.65
C ASP A 146 -12.92 -4.67 5.41
N VAL A 147 -12.29 -5.83 5.19
CA VAL A 147 -11.40 -5.90 4.02
C VAL A 147 -12.18 -5.65 2.74
N LEU A 148 -13.40 -6.21 2.64
CA LEU A 148 -14.17 -5.98 1.42
C LEU A 148 -14.53 -4.50 1.29
N HIS A 149 -14.86 -3.86 2.42
CA HIS A 149 -15.18 -2.42 2.37
C HIS A 149 -13.96 -1.65 1.88
N GLY A 150 -12.80 -2.03 2.41
CA GLY A 150 -11.58 -1.41 1.92
C GLY A 150 -11.40 -1.58 0.43
N ILE A 151 -11.47 -2.82 -0.03
CA ILE A 151 -11.33 -3.08 -1.47
C ILE A 151 -12.37 -2.33 -2.28
N ASP A 152 -13.61 -2.29 -1.79
CA ASP A 152 -14.64 -1.54 -2.51
C ASP A 152 -14.39 -0.05 -2.48
N ALA A 153 -13.84 0.49 -1.39
CA ALA A 153 -13.70 1.95 -1.36
C ALA A 153 -12.42 2.42 -2.04
N THR A 154 -11.31 1.76 -1.76
CA THR A 154 -10.01 2.17 -2.32
C THR A 154 -9.27 0.96 -2.89
N PRO A 155 -9.72 0.47 -4.03
CA PRO A 155 -9.14 -0.77 -4.55
C PRO A 155 -7.65 -0.60 -4.78
N TRP A 156 -7.24 0.61 -5.14
CA TRP A 156 -5.83 0.86 -5.43
C TRP A 156 -4.93 0.59 -4.25
N ALA A 157 -5.46 0.45 -3.02
CA ALA A 157 -4.53 0.19 -1.92
C ALA A 157 -4.21 -1.29 -1.80
N PHE A 158 -4.82 -2.11 -2.65
CA PHE A 158 -4.59 -3.55 -2.63
C PHE A 158 -4.11 -4.07 -3.97
N SER A 159 -3.60 -5.31 -3.98
CA SER A 159 -3.14 -5.85 -5.26
C SER A 159 -4.30 -5.94 -6.23
N PRO A 160 -4.04 -5.77 -7.52
CA PRO A 160 -5.15 -5.74 -8.48
C PRO A 160 -5.86 -7.09 -8.57
N TRP A 161 -5.15 -8.21 -8.37
CA TRP A 161 -5.82 -9.50 -8.40
C TRP A 161 -6.66 -9.76 -7.14
N MET A 162 -6.21 -9.30 -5.98
CA MET A 162 -7.00 -9.41 -4.76
C MET A 162 -8.34 -8.72 -5.03
N VAL A 163 -8.24 -7.53 -5.66
CA VAL A 163 -9.44 -6.76 -5.98
C VAL A 163 -10.35 -7.48 -6.95
N MET A 164 -9.82 -7.94 -8.08
CA MET A 164 -10.69 -8.64 -9.03
C MET A 164 -11.35 -9.86 -8.41
N GLN A 165 -10.57 -10.53 -7.57
CA GLN A 165 -11.07 -11.74 -6.92
C GLN A 165 -12.20 -11.41 -5.96
N ALA A 166 -11.95 -10.43 -5.09
CA ALA A 166 -12.95 -10.05 -4.09
C ALA A 166 -14.21 -9.52 -4.74
N THR A 167 -14.07 -8.99 -5.96
CA THR A 167 -15.26 -8.39 -6.55
C THR A 167 -16.03 -9.38 -7.42
N ASN A 168 -15.50 -10.56 -7.68
CA ASN A 168 -16.29 -11.55 -8.41
C ASN A 168 -17.41 -12.09 -7.51
N ARG A 169 -18.64 -11.92 -7.98
CA ARG A 169 -19.89 -12.29 -7.36
C ARG A 169 -19.78 -13.58 -6.55
N GLU A 170 -19.48 -14.67 -7.26
CA GLU A 170 -19.37 -16.01 -6.71
C GLU A 170 -18.25 -16.17 -5.71
N ALA A 171 -17.11 -15.55 -6.03
CA ALA A 171 -15.97 -15.69 -5.13
C ALA A 171 -16.21 -14.92 -3.85
N ARG A 172 -16.82 -13.74 -3.97
CA ARG A 172 -16.99 -12.99 -2.71
C ARG A 172 -18.04 -13.69 -1.85
N LYS A 173 -18.97 -14.36 -2.56
CA LYS A 173 -19.99 -15.12 -1.85
C LYS A 173 -19.37 -16.29 -1.12
N ARG A 174 -18.47 -17.01 -1.81
CA ARG A 174 -17.86 -18.19 -1.21
C ARG A 174 -16.88 -17.80 -0.11
N LEU A 175 -16.18 -16.66 -0.27
CA LEU A 175 -15.29 -16.22 0.79
C LEU A 175 -16.05 -15.88 2.07
N SER A 176 -17.22 -15.28 1.88
CA SER A 176 -18.07 -14.82 2.95
C SER A 176 -18.62 -15.93 3.84
N ALA A 177 -18.25 -17.18 3.61
CA ALA A 177 -18.66 -18.34 4.40
C ALA A 177 -17.63 -18.74 5.46
N PHE A 178 -16.34 -18.56 5.20
CA PHE A 178 -15.27 -18.94 6.09
C PHE A 178 -15.21 -18.10 7.36
N THR A 179 -16.14 -17.14 7.50
CA THR A 179 -16.12 -16.26 8.67
C THR A 179 -17.10 -16.74 9.74
N GLU B 4 20.60 19.19 2.57
CA GLU B 4 19.23 18.92 3.01
C GLU B 4 19.24 18.55 4.49
N HIS B 5 18.38 19.20 5.26
CA HIS B 5 18.41 18.93 6.70
C HIS B 5 17.00 18.93 7.27
N VAL B 6 16.93 18.76 8.58
CA VAL B 6 15.73 18.91 9.38
C VAL B 6 16.04 19.95 10.47
N ILE B 7 15.00 20.67 10.88
CA ILE B 7 15.18 21.61 11.98
C ILE B 7 14.72 20.93 13.27
N LEU B 8 15.68 20.77 14.18
CA LEU B 8 15.46 20.13 15.47
C LEU B 8 14.70 21.07 16.41
N LEU B 9 13.78 20.47 17.13
CA LEU B 9 12.95 21.15 18.12
C LEU B 9 13.16 20.52 19.48
N ASN B 10 13.11 21.36 20.53
CA ASN B 10 13.34 20.77 21.86
C ASN B 10 12.00 20.29 22.42
N ALA B 11 12.02 19.83 23.65
CA ALA B 11 10.84 19.39 24.40
C ALA B 11 9.64 20.29 24.16
N GLN B 12 9.89 21.60 24.10
CA GLN B 12 8.83 22.58 23.90
C GLN B 12 8.23 22.49 22.51
N GLY B 13 8.98 22.96 21.51
CA GLY B 13 8.59 23.02 20.12
C GLY B 13 9.36 24.15 19.44
N VAL B 14 10.46 24.53 20.08
CA VAL B 14 11.29 25.65 19.63
C VAL B 14 12.56 25.13 18.98
N PRO B 15 12.90 25.69 17.82
CA PRO B 15 14.11 25.29 17.10
C PRO B 15 15.39 25.42 17.93
N THR B 16 16.25 24.42 17.83
CA THR B 16 17.54 24.45 18.50
C THR B 16 18.70 24.26 17.52
N GLY B 17 18.42 24.03 16.25
CA GLY B 17 19.52 23.77 15.31
C GLY B 17 19.02 22.88 14.17
N THR B 18 19.94 22.32 13.41
CA THR B 18 19.64 21.50 12.25
C THR B 18 20.47 20.22 12.25
N LEU B 19 20.02 19.24 11.48
CA LEU B 19 20.64 17.93 11.28
C LEU B 19 20.45 17.45 9.84
N GLU B 20 21.48 16.94 9.17
CA GLU B 20 21.30 16.37 7.83
C GLU B 20 20.18 15.33 7.82
N LYS B 21 19.41 15.32 6.74
CA LYS B 21 18.12 14.64 6.75
C LYS B 21 18.27 13.13 6.95
N TYR B 22 19.07 12.47 6.11
CA TYR B 22 19.20 11.02 6.22
C TYR B 22 19.57 10.66 7.65
N ALA B 23 20.69 11.21 8.10
CA ALA B 23 21.17 10.87 9.43
C ALA B 23 20.20 11.30 10.52
N ALA B 24 19.22 12.14 10.21
CA ALA B 24 18.18 12.60 11.13
C ALA B 24 17.17 11.50 11.42
N HIS B 25 16.88 10.65 10.44
CA HIS B 25 15.87 9.62 10.60
C HIS B 25 16.49 8.24 10.78
N THR B 26 16.37 7.70 11.99
CA THR B 26 16.98 6.44 12.40
C THR B 26 16.05 5.72 13.39
N ALA B 27 16.63 4.80 14.14
CA ALA B 27 15.89 4.19 15.24
C ALA B 27 15.64 5.22 16.35
N ASP B 28 16.43 6.29 16.38
CA ASP B 28 16.40 7.25 17.48
C ASP B 28 16.04 8.68 17.11
N THR B 29 15.25 8.89 16.07
CA THR B 29 14.93 10.21 15.53
C THR B 29 14.59 11.26 16.57
N ARG B 30 15.28 12.39 16.59
CA ARG B 30 14.94 13.50 17.46
C ARG B 30 13.77 14.32 16.91
N LEU B 31 13.12 15.07 17.79
CA LEU B 31 11.97 15.89 17.39
C LEU B 31 12.42 16.95 16.40
N HIS B 32 11.67 17.12 15.31
CA HIS B 32 12.00 18.07 14.27
C HIS B 32 10.73 18.49 13.52
N LEU B 33 10.90 19.55 12.73
CA LEU B 33 9.83 20.16 11.97
C LEU B 33 9.55 19.44 10.65
N ALA B 34 8.26 19.27 10.38
CA ALA B 34 7.78 18.63 9.16
C ALA B 34 6.52 19.33 8.68
N PHE B 35 6.01 18.96 7.51
CA PHE B 35 4.69 19.35 7.10
C PHE B 35 4.04 18.14 6.40
N SER B 36 2.71 18.20 6.35
CA SER B 36 2.00 17.26 5.48
C SER B 36 0.96 18.03 4.70
N SER B 37 0.69 17.69 3.43
CA SER B 37 -0.30 18.43 2.66
C SER B 37 -1.24 17.48 1.92
N TRP B 38 -2.45 17.95 1.70
CA TRP B 38 -3.52 17.27 0.99
C TRP B 38 -3.91 18.14 -0.21
N LEU B 39 -3.72 17.59 -1.39
CA LEU B 39 -3.91 18.28 -2.65
C LEU B 39 -5.14 17.77 -3.41
N PHE B 40 -5.88 18.71 -3.98
CA PHE B 40 -7.14 18.46 -4.65
C PHE B 40 -7.10 19.08 -6.04
N ASN B 41 -7.64 18.40 -7.04
CA ASN B 41 -7.64 19.02 -8.37
C ASN B 41 -8.84 19.95 -8.49
N ALA B 42 -9.03 20.60 -9.62
CA ALA B 42 -10.14 21.52 -9.87
C ALA B 42 -11.47 20.84 -9.58
N LYS B 43 -11.50 19.57 -9.98
CA LYS B 43 -12.65 18.72 -9.84
C LYS B 43 -12.98 18.44 -8.38
N GLY B 44 -12.05 18.70 -7.47
CA GLY B 44 -12.35 18.34 -6.09
C GLY B 44 -11.88 16.95 -5.72
N GLN B 45 -11.20 16.25 -6.64
CA GLN B 45 -10.65 14.97 -6.25
C GLN B 45 -9.38 15.14 -5.43
N LEU B 46 -9.15 14.19 -4.54
CA LEU B 46 -7.98 14.11 -3.70
C LEU B 46 -6.86 13.34 -4.38
N LEU B 47 -5.66 13.90 -4.36
CA LEU B 47 -4.50 13.15 -4.84
C LEU B 47 -3.93 12.28 -3.73
N VAL B 48 -4.01 10.97 -3.87
CA VAL B 48 -3.32 10.03 -2.99
C VAL B 48 -2.05 9.53 -3.66
N THR B 49 -1.01 9.26 -2.87
CA THR B 49 0.26 8.89 -3.50
C THR B 49 0.83 7.66 -2.80
N ARG B 50 1.69 6.91 -3.46
CA ARG B 50 2.36 5.76 -2.87
C ARG B 50 3.84 6.10 -2.74
N ARG B 51 4.38 6.09 -1.53
CA ARG B 51 5.81 6.41 -1.36
C ARG B 51 6.68 5.45 -2.14
N ALA B 52 7.73 5.96 -2.77
CA ALA B 52 8.60 5.04 -3.52
C ALA B 52 9.27 4.04 -2.59
N LEU B 53 9.71 2.92 -3.18
CA LEU B 53 10.31 1.85 -2.39
C LEU B 53 11.65 2.26 -1.84
N SER B 54 12.19 3.40 -2.31
CA SER B 54 13.52 3.77 -1.83
C SER B 54 13.44 4.79 -0.72
N LYS B 55 12.22 5.20 -0.36
CA LYS B 55 12.09 6.13 0.76
C LYS B 55 12.64 5.45 2.00
N LYS B 56 13.41 6.12 2.86
CA LYS B 56 13.95 5.44 4.02
C LYS B 56 12.87 5.08 5.02
N ALA B 57 11.81 5.88 5.06
CA ALA B 57 10.75 5.59 6.04
C ALA B 57 9.44 5.36 5.30
N TRP B 58 8.71 4.34 5.72
CA TRP B 58 7.49 3.88 5.06
C TRP B 58 7.60 3.80 3.56
N PRO B 59 8.57 3.06 3.05
CA PRO B 59 8.63 2.92 1.58
C PRO B 59 7.47 2.05 1.12
N GLY B 60 6.94 2.36 -0.06
CA GLY B 60 5.89 1.58 -0.69
C GLY B 60 4.52 1.67 -0.06
N VAL B 61 4.31 2.72 0.73
CA VAL B 61 3.11 2.88 1.51
C VAL B 61 2.21 3.96 0.93
N TRP B 62 0.90 3.71 0.96
CA TRP B 62 -0.07 4.66 0.44
C TRP B 62 -0.38 5.74 1.48
N THR B 63 -0.42 6.98 1.01
CA THR B 63 -0.53 8.08 1.97
C THR B 63 -1.17 9.30 1.34
N ASN B 64 -1.22 10.42 2.06
CA ASN B 64 -1.75 11.65 1.48
C ASN B 64 -0.73 12.28 0.54
N SER B 65 -1.08 13.43 -0.05
CA SER B 65 -0.40 13.90 -1.25
C SER B 65 1.09 14.10 -1.10
N VAL B 66 1.48 14.88 -0.09
CA VAL B 66 2.89 15.23 0.02
C VAL B 66 3.26 15.50 1.47
N CYS B 67 4.42 15.00 1.88
CA CYS B 67 4.95 15.33 3.20
C CYS B 67 6.38 15.82 3.01
N GLY B 68 6.86 16.62 3.96
CA GLY B 68 8.24 17.04 3.83
C GLY B 68 8.80 17.76 5.04
N HIS B 69 10.00 18.31 4.87
CA HIS B 69 10.74 18.93 5.97
C HIS B 69 11.12 20.33 5.57
N PRO B 70 10.59 21.34 6.23
CA PRO B 70 11.02 22.70 5.87
C PRO B 70 12.51 22.83 6.19
N GLN B 71 13.18 23.71 5.45
CA GLN B 71 14.57 24.00 5.69
C GLN B 71 14.68 25.38 6.35
N LEU B 72 15.90 25.63 6.80
CA LEU B 72 16.29 26.92 7.39
C LEU B 72 15.86 28.09 6.50
N GLY B 73 15.22 29.07 7.11
CA GLY B 73 14.77 30.26 6.44
C GLY B 73 13.54 30.06 5.59
N GLU B 74 13.05 28.82 5.48
CA GLU B 74 11.85 28.56 4.71
C GLU B 74 10.60 28.61 5.58
N SER B 75 9.53 29.25 5.07
CA SER B 75 8.24 29.11 5.74
C SER B 75 7.66 27.72 5.45
N ASN B 76 6.74 27.27 6.30
CA ASN B 76 6.17 25.93 6.09
C ASN B 76 5.44 25.89 4.74
N GLU B 77 4.84 27.03 4.40
CA GLU B 77 4.05 27.11 3.18
C GLU B 77 4.96 27.01 1.98
N ASP B 78 6.10 27.70 2.03
CA ASP B 78 7.07 27.57 0.93
C ASP B 78 7.59 26.14 0.86
N ALA B 79 7.72 25.47 2.00
CA ALA B 79 8.16 24.08 1.98
C ALA B 79 7.10 23.25 1.26
N VAL B 80 5.83 23.50 1.57
CA VAL B 80 4.77 22.79 0.86
C VAL B 80 4.90 22.99 -0.65
N ILE B 81 5.05 24.24 -1.07
CA ILE B 81 5.11 24.61 -2.48
C ILE B 81 6.31 23.93 -3.12
N ARG B 82 7.45 23.99 -2.43
CA ARG B 82 8.65 23.33 -2.94
C ARG B 82 8.50 21.83 -3.05
N ARG B 83 7.96 21.12 -2.05
CA ARG B 83 7.94 19.65 -2.20
C ARG B 83 6.88 19.23 -3.22
N CYS B 84 5.83 20.04 -3.34
CA CYS B 84 4.81 19.72 -4.36
C CYS B 84 5.46 19.73 -5.73
N ARG B 85 6.31 20.73 -5.93
CA ARG B 85 7.06 20.80 -7.17
C ARG B 85 8.04 19.65 -7.31
N TYR B 86 8.73 19.32 -6.23
CA TYR B 86 9.79 18.31 -6.33
C TYR B 86 9.24 16.90 -6.51
N GLU B 87 8.22 16.58 -5.70
CA GLU B 87 7.70 15.21 -5.74
C GLU B 87 6.65 15.01 -6.81
N LEU B 88 5.87 16.03 -7.14
CA LEU B 88 4.70 15.85 -8.00
C LEU B 88 4.69 16.71 -9.25
N GLY B 89 5.59 17.68 -9.28
CA GLY B 89 5.78 18.57 -10.42
C GLY B 89 4.68 19.60 -10.53
N VAL B 90 3.93 19.75 -9.44
CA VAL B 90 2.63 20.42 -9.52
C VAL B 90 2.66 21.79 -8.86
N GLU B 91 2.00 22.74 -9.52
CA GLU B 91 1.76 24.06 -8.97
C GLU B 91 0.49 24.01 -8.10
N ILE B 92 0.43 24.83 -7.05
CA ILE B 92 -0.73 24.80 -6.18
C ILE B 92 -1.21 26.22 -5.84
N THR B 93 -2.43 26.25 -5.26
CA THR B 93 -2.96 27.49 -4.71
C THR B 93 -2.34 27.72 -3.34
N PRO B 94 -2.47 28.88 -2.73
CA PRO B 94 -1.88 29.10 -1.40
C PRO B 94 -2.36 28.05 -0.41
N PRO B 95 -1.43 27.35 0.22
CA PRO B 95 -1.83 26.27 1.12
C PRO B 95 -2.54 26.80 2.37
N GLU B 96 -3.65 26.15 2.69
CA GLU B 96 -4.45 26.51 3.85
C GLU B 96 -4.02 25.66 5.03
N SER B 97 -3.89 26.28 6.21
CA SER B 97 -3.62 25.53 7.42
C SER B 97 -4.87 24.78 7.87
N ILE B 98 -4.80 23.45 7.92
CA ILE B 98 -5.99 22.72 8.34
C ILE B 98 -5.78 22.03 9.68
N TYR B 99 -4.54 21.81 10.11
CA TYR B 99 -4.29 21.14 11.41
C TYR B 99 -2.91 21.53 11.91
N PRO B 100 -2.79 22.72 12.50
CA PRO B 100 -1.47 23.30 12.75
C PRO B 100 -0.74 22.68 13.93
N ASP B 101 -1.45 22.01 14.82
CA ASP B 101 -0.86 21.47 16.03
C ASP B 101 -0.58 19.98 15.91
N PHE B 102 -0.69 19.44 14.70
CA PHE B 102 -0.41 18.01 14.56
C PHE B 102 1.05 17.69 14.84
N ARG B 103 1.22 16.70 15.70
CA ARG B 103 2.53 16.16 16.04
C ARG B 103 2.43 14.63 16.03
N PHE B 104 3.46 13.96 15.54
CA PHE B 104 3.51 12.52 15.25
C PHE B 104 4.82 11.87 15.64
N ARG B 105 4.75 10.77 16.38
CA ARG B 105 5.93 9.94 16.59
C ARG B 105 5.58 8.49 16.26
N ALA B 106 6.36 7.85 15.41
CA ALA B 106 5.95 6.47 15.08
C ALA B 106 7.12 5.71 14.49
N THR B 107 7.06 4.39 14.68
CA THR B 107 8.08 3.49 14.16
C THR B 107 7.55 2.76 12.92
N ASP B 108 8.36 2.76 11.88
CA ASP B 108 7.98 2.28 10.54
C ASP B 108 8.21 0.77 10.48
N PRO B 109 7.85 0.07 9.43
CA PRO B 109 8.02 -1.40 9.41
C PRO B 109 9.42 -1.95 9.57
N SER B 110 10.46 -1.19 9.26
CA SER B 110 11.82 -1.67 9.49
C SER B 110 12.47 -1.04 10.71
N GLY B 111 11.74 -0.24 11.49
CA GLY B 111 12.32 0.30 12.71
C GLY B 111 12.76 1.75 12.64
N ILE B 112 12.55 2.39 11.49
CA ILE B 112 12.92 3.81 11.35
C ILE B 112 11.85 4.67 11.99
N VAL B 113 12.30 5.70 12.71
CA VAL B 113 11.34 6.47 13.46
C VAL B 113 11.12 7.87 12.91
N GLU B 114 9.86 8.28 12.82
CA GLU B 114 9.61 9.70 12.56
C GLU B 114 9.16 10.30 13.89
N ASN B 115 9.55 11.53 14.14
CA ASN B 115 9.33 12.23 15.41
C ASN B 115 9.26 13.72 15.09
N GLU B 116 8.02 14.14 14.85
CA GLU B 116 7.78 15.42 14.21
C GLU B 116 6.68 16.26 14.82
N VAL B 117 6.89 17.55 14.65
CA VAL B 117 5.90 18.59 14.67
C VAL B 117 5.46 18.82 13.23
N CYS B 118 4.23 18.48 12.87
CA CYS B 118 3.86 18.36 11.46
C CYS B 118 2.62 19.13 11.08
N PRO B 119 2.65 20.46 10.99
CA PRO B 119 1.47 21.22 10.56
C PRO B 119 0.90 20.65 9.25
N VAL B 120 -0.41 20.57 9.16
CA VAL B 120 -1.07 19.96 8.00
C VAL B 120 -1.70 21.03 7.14
N PHE B 121 -1.55 20.89 5.81
CA PHE B 121 -2.12 21.83 4.87
C PHE B 121 -3.04 21.20 3.83
N ALA B 122 -3.84 22.06 3.20
CA ALA B 122 -4.56 21.70 2.00
C ALA B 122 -4.41 22.77 0.91
N ALA B 123 -4.40 22.33 -0.34
CA ALA B 123 -4.37 23.23 -1.48
C ALA B 123 -5.00 22.61 -2.72
N ARG B 124 -5.23 23.45 -3.72
CA ARG B 124 -5.61 22.99 -5.05
C ARG B 124 -4.41 22.94 -5.99
N THR B 125 -4.40 21.95 -6.87
CA THR B 125 -3.37 21.94 -7.91
C THR B 125 -3.84 22.81 -9.08
N THR B 126 -2.89 23.53 -9.67
CA THR B 126 -3.20 24.42 -10.77
C THR B 126 -2.44 24.05 -12.04
N SER B 127 -1.74 22.92 -11.95
CA SER B 127 -1.04 22.42 -13.14
C SER B 127 -1.24 20.92 -13.25
N ALA B 128 -0.87 20.33 -14.38
CA ALA B 128 -0.78 18.89 -14.54
C ALA B 128 0.30 18.35 -13.60
N LEU B 129 0.29 17.04 -13.37
CA LEU B 129 1.34 16.40 -12.60
C LEU B 129 2.53 16.05 -13.48
N GLN B 130 3.71 16.13 -12.90
CA GLN B 130 4.91 15.49 -13.39
C GLN B 130 5.53 14.70 -12.24
N ILE B 131 4.98 13.50 -12.03
CA ILE B 131 5.42 12.67 -10.92
C ILE B 131 6.93 12.44 -10.92
N ASN B 132 7.53 12.50 -9.74
CA ASN B 132 8.93 12.20 -9.53
C ASN B 132 9.10 10.77 -9.01
N ASP B 133 9.56 9.88 -9.90
CA ASP B 133 9.66 8.47 -9.55
C ASP B 133 10.64 8.16 -8.43
N ASP B 134 11.57 9.07 -8.13
CA ASP B 134 12.47 8.90 -7.01
C ASP B 134 11.73 9.03 -5.68
N GLU B 135 10.53 9.62 -5.70
CA GLU B 135 9.79 9.90 -4.49
C GLU B 135 8.45 9.21 -4.40
N VAL B 136 7.82 9.06 -5.55
CA VAL B 136 6.45 8.58 -5.65
C VAL B 136 6.33 7.46 -6.66
N MET B 137 5.88 6.28 -6.24
CA MET B 137 5.85 5.16 -7.19
C MET B 137 4.48 4.90 -7.80
N ASP B 138 3.46 5.57 -7.30
CA ASP B 138 2.11 5.37 -7.86
C ASP B 138 1.23 6.47 -7.29
N TYR B 139 0.09 6.73 -7.91
CA TYR B 139 -0.82 7.71 -7.36
C TYR B 139 -2.22 7.44 -7.91
N GLN B 140 -3.17 8.15 -7.33
CA GLN B 140 -4.54 8.08 -7.81
C GLN B 140 -5.25 9.37 -7.38
N TRP B 141 -6.13 9.78 -8.26
CA TRP B 141 -7.14 10.80 -8.05
C TRP B 141 -8.39 10.06 -7.57
N CYS B 142 -8.85 10.42 -6.39
CA CYS B 142 -9.98 9.75 -5.78
C CYS B 142 -10.97 10.78 -5.23
N ASP B 143 -12.19 10.30 -5.04
CA ASP B 143 -13.16 11.06 -4.25
C ASP B 143 -12.76 10.94 -2.78
N LEU B 144 -12.66 12.05 -2.08
CA LEU B 144 -12.32 12.04 -0.67
C LEU B 144 -13.14 11.04 0.13
N ALA B 145 -14.43 10.99 -0.17
CA ALA B 145 -15.37 10.11 0.52
C ALA B 145 -14.89 8.66 0.46
N ASP B 146 -14.54 8.25 -0.75
CA ASP B 146 -14.01 6.91 -0.94
C ASP B 146 -12.78 6.67 -0.07
N VAL B 147 -11.87 7.63 -0.11
CA VAL B 147 -10.61 7.56 0.64
C VAL B 147 -10.90 7.39 2.12
N LEU B 148 -11.77 8.27 2.60
CA LEU B 148 -12.16 8.26 4.01
C LEU B 148 -12.75 6.90 4.39
N HIS B 149 -13.60 6.34 3.52
CA HIS B 149 -14.14 5.00 3.83
C HIS B 149 -13.06 3.94 3.90
N GLY B 150 -12.04 4.02 3.04
CA GLY B 150 -10.98 3.01 3.07
C GLY B 150 -10.14 3.11 4.33
N ILE B 151 -9.84 4.34 4.72
CA ILE B 151 -9.11 4.59 5.94
C ILE B 151 -9.85 4.06 7.15
N ASP B 152 -11.17 4.12 7.13
CA ASP B 152 -12.03 3.64 8.19
C ASP B 152 -12.05 2.12 8.22
N ALA B 153 -12.13 1.51 7.05
CA ALA B 153 -12.25 0.06 6.93
C ALA B 153 -10.92 -0.63 7.16
N THR B 154 -9.87 -0.18 6.47
CA THR B 154 -8.58 -0.86 6.61
C THR B 154 -7.44 0.12 6.89
N PRO B 155 -7.42 0.79 8.04
CA PRO B 155 -6.44 1.86 8.27
C PRO B 155 -4.98 1.40 8.22
N TRP B 156 -4.71 0.11 8.38
CA TRP B 156 -3.36 -0.43 8.32
C TRP B 156 -2.80 -0.43 6.90
N ALA B 157 -3.64 -0.16 5.91
CA ALA B 157 -3.21 -0.16 4.53
C ALA B 157 -2.63 1.19 4.11
N PHE B 158 -2.59 2.12 5.05
CA PHE B 158 -2.19 3.50 4.76
C PHE B 158 -1.15 3.98 5.76
N SER B 159 -0.46 5.08 5.43
CA SER B 159 0.49 5.57 6.43
C SER B 159 -0.28 5.97 7.68
N PRO B 160 0.29 5.73 8.84
CA PRO B 160 -0.43 6.08 10.07
C PRO B 160 -0.65 7.59 10.17
N TRP B 161 0.22 8.43 9.59
CA TRP B 161 -0.05 9.86 9.74
C TRP B 161 -1.22 10.26 8.85
N MET B 162 -1.37 9.59 7.71
CA MET B 162 -2.52 9.95 6.87
C MET B 162 -3.83 9.64 7.56
N VAL B 163 -3.87 8.52 8.26
CA VAL B 163 -5.02 8.14 9.07
C VAL B 163 -5.24 9.11 10.23
N MET B 164 -4.17 9.49 10.94
CA MET B 164 -4.42 10.36 12.09
C MET B 164 -4.88 11.73 11.63
N GLN B 165 -4.36 12.22 10.51
CA GLN B 165 -4.83 13.53 10.05
C GLN B 165 -6.25 13.47 9.54
N ALA B 166 -6.60 12.42 8.80
CA ALA B 166 -7.95 12.29 8.27
C ALA B 166 -8.94 12.04 9.39
N THR B 167 -8.48 11.56 10.54
CA THR B 167 -9.53 11.30 11.53
C THR B 167 -9.71 12.47 12.49
N ASN B 168 -8.90 13.52 12.38
CA ASN B 168 -9.11 14.70 13.22
C ASN B 168 -10.30 15.48 12.68
N ARG B 169 -11.28 15.78 13.54
CA ARG B 169 -12.53 16.38 13.09
C ARG B 169 -12.33 17.65 12.30
N GLU B 170 -11.52 18.57 12.84
CA GLU B 170 -11.43 19.87 12.16
C GLU B 170 -10.73 19.70 10.83
N ALA B 171 -9.65 18.92 10.83
CA ALA B 171 -8.92 18.71 9.58
C ALA B 171 -9.86 18.14 8.53
N ARG B 172 -10.64 17.13 8.92
CA ARG B 172 -11.52 16.50 7.92
C ARG B 172 -12.54 17.46 7.34
N LYS B 173 -13.09 18.37 8.14
CA LYS B 173 -14.04 19.34 7.60
C LYS B 173 -13.40 20.16 6.50
N ARG B 174 -12.12 20.48 6.72
CA ARG B 174 -11.39 21.28 5.75
C ARG B 174 -11.18 20.48 4.47
N LEU B 175 -10.80 19.21 4.63
CA LEU B 175 -10.56 18.42 3.42
C LEU B 175 -11.85 18.38 2.61
N SER B 176 -12.95 18.26 3.35
CA SER B 176 -14.25 18.17 2.68
C SER B 176 -14.51 19.44 1.88
N ALA B 177 -14.09 20.57 2.47
CA ALA B 177 -14.35 21.82 1.77
C ALA B 177 -13.66 21.83 0.41
N PHE B 178 -12.52 21.15 0.26
CA PHE B 178 -11.75 21.22 -0.98
C PHE B 178 -12.32 20.29 -2.05
N THR B 179 -13.38 19.56 -1.76
CA THR B 179 -13.96 18.64 -2.75
C THR B 179 -14.91 19.37 -3.68
N GLN B 180 -15.22 20.62 -3.33
CA GLN B 180 -16.13 21.36 -4.23
C GLN B 180 -15.50 21.57 -5.60
N LEU B 181 -16.31 21.40 -6.64
CA LEU B 181 -15.83 21.69 -7.99
C LEU B 181 -15.54 23.17 -8.14
N LYS B 182 -14.36 23.57 -8.62
CA LYS B 182 -14.06 24.99 -8.74
C LYS B 182 -13.17 25.25 -9.96
N LEU B 183 -13.72 26.00 -10.90
CA LEU B 183 -13.15 26.31 -12.21
C LEU B 183 -12.04 27.36 -12.09
MN MN C . 3.64 -15.35 -11.78
MG MG D . 3.77 -15.97 -2.82
O1 SBH E . 6.86 -15.83 -5.47
O2 SBH E . 5.96 -17.95 -5.94
O3 SBH E . 5.34 -16.76 -3.95
P1 SBH E . 5.71 -16.57 -5.38
O4 SBH E . 4.53 -16.01 -6.17
O5 SBH E . 3.97 -13.73 -6.59
O6 SBH E . 3.52 -14.68 -4.45
P2 SBH E . 3.57 -14.84 -5.95
O7 SBH E . 2.17 -15.30 -6.31
C1 SBH E . 1.76 -15.27 -7.68
C2 SBH E . 0.27 -15.55 -7.90
C3 SBH E . -0.58 -14.29 -7.58
C4 SBH E . -1.84 -14.38 -8.50
C5 SBH E . -1.18 -14.41 -6.15
O8 SBH E . 0.27 -12.95 -7.86
MN MN F . 11.23 13.65 9.50
MG MG G . 8.02 13.72 0.99
O1 SBH H . 11.75 12.93 2.28
O2 SBH H . 11.66 15.19 2.92
O3 SBH H . 10.07 14.25 1.38
P1 SBH H . 10.91 13.95 2.56
O4 SBH H . 10.03 13.62 3.77
O5 SBH H . 9.25 11.45 4.41
O6 SBH H . 8.17 12.63 2.59
P2 SBH H . 8.87 12.65 3.93
O7 SBH H . 7.86 13.35 4.85
C1 SBH H . 7.78 12.72 6.14
C2 SBH H . 6.87 13.54 7.09
C3 SBH H . 5.38 13.50 6.53
C4 SBH H . 4.99 15.02 6.11
C5 SBH H . 5.39 12.68 5.11
O8 SBH H . 4.39 12.81 7.64
#